data_7NNJ
#
_entry.id   7NNJ
#
_cell.length_a   40.181
_cell.length_b   40.772
_cell.length_c   197.688
_cell.angle_alpha   90.000
_cell.angle_beta   90.000
_cell.angle_gamma   90.000
#
_symmetry.space_group_name_H-M   'P 21 21 21'
#
loop_
_entity.id
_entity.type
_entity.pdbx_description
1 polymer 'Diphosphoinositol polyphosphate phosphohydrolase 2'
2 non-polymer 1,2-ETHANEDIOL
3 non-polymer 'FORMIC ACID'
4 non-polymer '[oxidanyl-[(2S,3R,5S,6S)-4-phenylmethoxy-2,3,5,6-tetraphosphonooxy-cyclohexyl]oxy-phosphoryl]methylphosphonic acid'
5 water water
#
_entity_poly.entity_id   1
_entity_poly.type   'polypeptide(L)'
_entity_poly.pdbx_seq_one_letter_code
;SMTRTYDREGFKKRAACLCFRSEQEDEVLLVSSSRYPDQWIVPGGGMEPEEEPGGAAVREVYEEAGVKGKLGRLLGIFEN
QDRKHRTYVYVLTVTEILEDWEDSVNIGRKREWFKVEDAIKVLQCHKPVHAEYLEKLKLG
;
_entity_poly.pdbx_strand_id   A,B
#
# COMPACT_ATOMS: atom_id res chain seq x y z
N THR A 3 -28.96 -9.90 1.74
CA THR A 3 -28.52 -10.05 3.12
C THR A 3 -27.01 -9.89 3.22
N ARG A 4 -26.55 -9.60 4.42
CA ARG A 4 -25.14 -9.33 4.71
C ARG A 4 -24.51 -10.56 5.34
N THR A 5 -23.19 -10.69 5.24
CA THR A 5 -22.51 -11.83 5.81
C THR A 5 -21.22 -11.37 6.48
N TYR A 6 -20.84 -12.07 7.56
CA TYR A 6 -19.75 -11.60 8.42
C TYR A 6 -18.76 -12.69 8.68
N ASP A 7 -17.50 -12.34 8.96
CA ASP A 7 -16.56 -13.39 9.36
C ASP A 7 -16.50 -13.49 10.87
N ARG A 8 -15.75 -14.46 11.37
CA ARG A 8 -15.73 -14.73 12.81
C ARG A 8 -15.09 -13.62 13.61
N GLU A 9 -14.51 -12.63 12.93
CA GLU A 9 -13.95 -11.48 13.66
C GLU A 9 -14.90 -10.28 13.57
N GLY A 10 -16.08 -10.50 13.01
CA GLY A 10 -17.10 -9.46 13.05
C GLY A 10 -17.02 -8.48 11.89
N PHE A 11 -16.15 -8.77 10.92
CA PHE A 11 -16.05 -7.91 9.73
C PHE A 11 -17.13 -8.26 8.73
N LYS A 12 -17.73 -7.26 8.11
CA LYS A 12 -18.61 -7.54 6.99
C LYS A 12 -17.81 -7.95 5.76
N LYS A 13 -18.20 -9.05 5.12
CA LYS A 13 -17.50 -9.57 3.95
C LYS A 13 -18.02 -8.88 2.69
N ARG A 14 -17.10 -8.33 1.90
CA ARG A 14 -17.44 -7.65 0.66
C ARG A 14 -16.54 -8.12 -0.48
N ALA A 15 -16.90 -7.74 -1.70
CA ALA A 15 -16.07 -8.04 -2.85
C ALA A 15 -16.15 -6.85 -3.79
N ALA A 16 -15.07 -6.61 -4.51
CA ALA A 16 -14.98 -5.49 -5.43
C ALA A 16 -14.12 -5.94 -6.59
N CYS A 17 -14.10 -5.16 -7.65
CA CYS A 17 -13.39 -5.63 -8.81
C CYS A 17 -12.86 -4.47 -9.64
N LEU A 18 -11.57 -4.51 -9.95
CA LEU A 18 -10.98 -3.59 -10.93
C LEU A 18 -11.23 -4.19 -12.30
N CYS A 19 -12.09 -3.52 -13.07
CA CYS A 19 -12.44 -4.02 -14.39
C CYS A 19 -11.60 -3.33 -15.45
N PHE A 20 -10.78 -4.13 -16.15
CA PHE A 20 -9.82 -3.56 -17.08
C PHE A 20 -10.23 -3.74 -18.53
N ARG A 21 -9.81 -2.80 -19.36
CA ARG A 21 -10.24 -2.78 -20.75
C ARG A 21 -9.58 -3.93 -21.49
N SER A 22 -8.40 -4.32 -21.02
CA SER A 22 -7.59 -5.34 -21.69
C SER A 22 -6.65 -5.98 -20.69
N GLU A 23 -5.92 -6.99 -21.14
CA GLU A 23 -4.92 -7.64 -20.31
C GLU A 23 -3.74 -6.71 -19.90
N GLN A 24 -3.62 -5.56 -20.55
CA GLN A 24 -2.59 -4.58 -20.20
C GLN A 24 -2.76 -3.99 -18.81
N GLU A 25 -4.00 -3.96 -18.34
CA GLU A 25 -4.36 -3.34 -17.06
C GLU A 25 -3.94 -1.87 -17.02
N ASP A 26 -4.21 -1.18 -18.13
CA ASP A 26 -3.88 0.23 -18.28
C ASP A 26 -5.06 1.14 -18.04
N GLU A 27 -6.25 0.64 -18.34
CA GLU A 27 -7.47 1.42 -18.19
C GLU A 27 -8.50 0.63 -17.41
N VAL A 28 -9.07 1.27 -16.40
CA VAL A 28 -9.99 0.63 -15.48
C VAL A 28 -11.35 1.34 -15.58
N LEU A 29 -12.41 0.55 -15.43
CA LEU A 29 -13.75 1.08 -15.49
C LEU A 29 -14.17 1.61 -14.13
N LEU A 30 -14.48 2.91 -14.05
CA LEU A 30 -15.08 3.43 -12.82
C LEU A 30 -16.57 3.71 -13.06
N VAL A 31 -17.36 3.65 -12.01
CA VAL A 31 -18.79 3.92 -12.12
C VAL A 31 -19.27 4.90 -11.06
N SER A 32 -20.48 5.40 -11.22
CA SER A 32 -21.14 6.13 -10.14
C SER A 32 -22.51 5.53 -9.88
N SER A 33 -22.92 5.57 -8.61
CA SER A 33 -24.18 4.96 -8.21
C SER A 33 -25.39 5.82 -8.60
N SER A 34 -26.57 5.31 -8.29
CA SER A 34 -27.78 6.04 -8.58
C SER A 34 -27.93 7.25 -7.63
N ARG A 35 -27.63 7.04 -6.34
CA ARG A 35 -27.83 8.08 -5.33
C ARG A 35 -26.71 9.13 -5.34
N TYR A 36 -25.51 8.74 -5.69
CA TYR A 36 -24.41 9.70 -5.75
C TYR A 36 -23.75 9.64 -7.12
N PRO A 37 -24.41 10.26 -8.11
CA PRO A 37 -24.02 10.10 -9.51
C PRO A 37 -22.76 10.87 -9.89
N ASP A 38 -22.41 11.89 -9.12
CA ASP A 38 -21.20 12.67 -9.40
C ASP A 38 -19.98 12.13 -8.64
N GLN A 39 -20.11 10.97 -8.04
CA GLN A 39 -19.01 10.33 -7.33
C GLN A 39 -18.53 9.06 -8.04
N TRP A 40 -17.28 9.07 -8.49
CA TRP A 40 -16.69 7.87 -9.07
C TRP A 40 -16.26 6.86 -8.02
N ILE A 41 -16.60 5.60 -8.26
CA ILE A 41 -16.24 4.53 -7.36
C ILE A 41 -15.86 3.30 -8.16
N VAL A 42 -15.13 2.41 -7.51
CA VAL A 42 -14.91 1.07 -8.02
C VAL A 42 -16.13 0.21 -7.70
N PRO A 43 -16.60 -0.60 -8.67
CA PRO A 43 -17.79 -1.41 -8.33
C PRO A 43 -17.53 -2.51 -7.32
N GLY A 44 -18.43 -2.64 -6.34
CA GLY A 44 -18.33 -3.71 -5.37
C GLY A 44 -19.47 -3.61 -4.38
N GLY A 45 -19.53 -4.57 -3.46
CA GLY A 45 -20.60 -4.58 -2.46
C GLY A 45 -20.48 -5.77 -1.51
N GLY A 46 -21.51 -5.96 -0.69
CA GLY A 46 -21.51 -7.06 0.25
C GLY A 46 -21.61 -8.41 -0.42
N MET A 47 -20.91 -9.40 0.11
CA MET A 47 -21.11 -10.79 -0.24
C MET A 47 -22.44 -11.25 0.35
N GLU A 48 -23.14 -12.10 -0.38
CA GLU A 48 -24.30 -12.79 0.16
C GLU A 48 -23.85 -14.02 0.92
N PRO A 49 -24.70 -14.51 1.85
CA PRO A 49 -24.31 -15.57 2.82
C PRO A 49 -23.63 -16.83 2.26
N GLU A 50 -24.08 -17.35 1.13
CA GLU A 50 -23.48 -18.60 0.71
C GLU A 50 -22.55 -18.42 -0.47
N GLU A 51 -22.17 -17.18 -0.73
CA GLU A 51 -21.33 -16.85 -1.87
C GLU A 51 -19.87 -17.05 -1.62
N GLU A 52 -19.15 -17.44 -2.67
CA GLU A 52 -17.70 -17.36 -2.72
C GLU A 52 -17.30 -15.97 -3.16
N PRO A 53 -16.10 -15.51 -2.75
CA PRO A 53 -15.71 -14.11 -3.02
C PRO A 53 -15.71 -13.79 -4.52
N GLY A 54 -15.22 -14.70 -5.34
CA GLY A 54 -15.21 -14.46 -6.76
C GLY A 54 -16.60 -14.38 -7.37
N GLY A 55 -17.53 -15.15 -6.81
CA GLY A 55 -18.93 -15.10 -7.22
C GLY A 55 -19.56 -13.75 -6.90
N ALA A 56 -19.37 -13.31 -5.66
CA ALA A 56 -19.72 -11.95 -5.27
C ALA A 56 -19.14 -10.89 -6.20
N ALA A 57 -17.84 -11.00 -6.50
CA ALA A 57 -17.18 -10.02 -7.36
C ALA A 57 -17.84 -9.96 -8.72
N VAL A 58 -18.07 -11.12 -9.32
CA VAL A 58 -18.65 -11.23 -10.66
C VAL A 58 -20.08 -10.67 -10.65
N ARG A 59 -20.82 -10.96 -9.59
CA ARG A 59 -22.20 -10.49 -9.47
C ARG A 59 -22.20 -8.97 -9.31
N GLU A 60 -21.30 -8.47 -8.50
CA GLU A 60 -21.27 -7.04 -8.22
C GLU A 60 -20.90 -6.25 -9.48
N VAL A 61 -20.01 -6.77 -10.31
CA VAL A 61 -19.65 -5.97 -11.48
C VAL A 61 -20.80 -6.01 -12.49
N TYR A 62 -21.54 -7.10 -12.51
CA TYR A 62 -22.70 -7.17 -13.39
C TYR A 62 -23.73 -6.17 -12.91
N GLU A 63 -24.06 -6.22 -11.63
CA GLU A 63 -25.08 -5.35 -11.08
C GLU A 63 -24.66 -3.86 -11.08
N GLU A 64 -23.47 -3.55 -10.58
CA GLU A 64 -23.09 -2.14 -10.40
C GLU A 64 -22.34 -1.49 -11.56
N ALA A 65 -21.96 -2.28 -12.56
CA ALA A 65 -21.15 -1.76 -13.65
C ALA A 65 -21.75 -2.15 -14.99
N GLY A 66 -22.65 -3.13 -14.94
CA GLY A 66 -23.26 -3.67 -16.14
C GLY A 66 -22.25 -4.24 -17.11
N VAL A 67 -21.26 -4.98 -16.60
CA VAL A 67 -20.32 -5.65 -17.51
C VAL A 67 -20.13 -7.12 -17.15
N LYS A 68 -19.64 -7.87 -18.12
CA LYS A 68 -19.25 -9.26 -17.94
C LYS A 68 -17.81 -9.38 -18.43
N GLY A 69 -17.06 -10.34 -17.90
CA GLY A 69 -15.70 -10.50 -18.36
C GLY A 69 -15.10 -11.75 -17.74
N LYS A 70 -13.78 -11.86 -17.85
CA LYS A 70 -13.04 -12.99 -17.28
C LYS A 70 -12.40 -12.55 -15.97
N LEU A 71 -12.80 -13.23 -14.90
CA LEU A 71 -12.27 -12.96 -13.56
C LEU A 71 -10.81 -13.33 -13.45
N GLY A 72 -10.01 -12.44 -12.88
CA GLY A 72 -8.58 -12.71 -12.74
C GLY A 72 -8.19 -12.94 -11.29
N ARG A 73 -6.97 -12.58 -10.96
CA ARG A 73 -6.41 -12.89 -9.65
C ARG A 73 -7.08 -12.08 -8.54
N LEU A 74 -6.93 -12.57 -7.33
CA LEU A 74 -7.24 -11.82 -6.12
C LEU A 74 -6.13 -10.81 -5.87
N LEU A 75 -6.41 -9.52 -6.07
CA LEU A 75 -5.43 -8.47 -5.73
C LEU A 75 -5.05 -8.51 -4.26
N GLY A 76 -6.05 -8.68 -3.40
CA GLY A 76 -5.82 -8.76 -1.98
C GLY A 76 -7.12 -8.63 -1.20
N ILE A 77 -7.04 -8.86 0.10
CA ILE A 77 -8.17 -8.59 0.98
C ILE A 77 -7.94 -7.27 1.69
N PHE A 78 -8.78 -6.28 1.39
CA PHE A 78 -8.57 -4.95 1.94
C PHE A 78 -9.40 -4.74 3.18
N GLU A 79 -8.75 -4.46 4.29
CA GLU A 79 -9.49 -4.33 5.52
C GLU A 79 -9.69 -2.87 5.86
N ASN A 80 -10.94 -2.48 5.97
CA ASN A 80 -11.28 -1.12 6.31
C ASN A 80 -11.71 -1.11 7.75
N GLN A 81 -10.84 -0.67 8.66
CA GLN A 81 -11.15 -0.79 10.08
C GLN A 81 -12.13 0.28 10.54
N ASP A 82 -12.23 1.36 9.77
CA ASP A 82 -13.15 2.43 10.07
C ASP A 82 -14.61 2.00 9.86
N ARG A 83 -14.83 0.97 9.07
CA ARG A 83 -16.19 0.51 8.78
C ARG A 83 -16.36 -0.96 9.12
N LYS A 84 -15.27 -1.61 9.54
CA LYS A 84 -15.22 -3.04 9.83
C LYS A 84 -15.66 -3.84 8.60
N HIS A 85 -14.95 -3.59 7.51
CA HIS A 85 -15.13 -4.27 6.23
C HIS A 85 -13.91 -5.09 5.90
N ARG A 86 -14.12 -6.24 5.28
CA ARG A 86 -13.03 -6.92 4.59
C ARG A 86 -13.48 -7.18 3.17
N THR A 87 -12.75 -6.64 2.21
CA THR A 87 -13.18 -6.67 0.83
C THR A 87 -12.19 -7.45 -0.02
N TYR A 88 -12.68 -8.48 -0.68
CA TYR A 88 -11.89 -9.21 -1.63
C TYR A 88 -11.92 -8.45 -2.93
N VAL A 89 -10.79 -7.95 -3.35
CA VAL A 89 -10.72 -7.14 -4.55
C VAL A 89 -10.05 -7.97 -5.64
N TYR A 90 -10.77 -8.19 -6.73
CA TYR A 90 -10.27 -8.97 -7.86
C TYR A 90 -9.94 -8.06 -9.01
N VAL A 91 -9.22 -8.59 -10.00
CA VAL A 91 -9.14 -7.93 -11.28
C VAL A 91 -10.02 -8.72 -12.24
N LEU A 92 -10.51 -8.06 -13.28
CA LEU A 92 -11.37 -8.71 -14.27
C LEU A 92 -11.13 -8.04 -15.60
N THR A 93 -10.98 -8.83 -16.66
CA THR A 93 -10.86 -8.26 -18.01
C THR A 93 -12.25 -8.20 -18.63
N VAL A 94 -12.71 -6.99 -18.93
CA VAL A 94 -14.05 -6.82 -19.47
C VAL A 94 -14.15 -7.41 -20.88
N THR A 95 -15.12 -8.28 -21.12
CA THR A 95 -15.34 -8.74 -22.48
C THR A 95 -16.63 -8.17 -23.11
N GLU A 96 -17.61 -7.84 -22.27
CA GLU A 96 -18.86 -7.30 -22.80
C GLU A 96 -19.35 -6.12 -21.96
N ILE A 97 -19.78 -5.06 -22.62
CA ILE A 97 -20.38 -3.92 -21.94
C ILE A 97 -21.87 -3.94 -22.22
N LEU A 98 -22.68 -4.19 -21.19
CA LEU A 98 -24.12 -4.36 -21.36
C LEU A 98 -24.78 -3.02 -21.62
N GLU A 99 -25.20 -2.82 -22.86
CA GLU A 99 -25.91 -1.62 -23.29
C GLU A 99 -27.25 -1.54 -22.57
N ASP A 100 -27.76 -0.31 -22.41
CA ASP A 100 -29.02 -0.06 -21.73
C ASP A 100 -28.91 -0.53 -20.27
N TRP A 101 -27.87 -0.06 -19.60
CA TRP A 101 -27.64 -0.34 -18.19
C TRP A 101 -27.77 0.94 -17.37
N ARG A 109 -26.78 6.82 -13.15
CA ARG A 109 -25.55 6.04 -13.00
C ARG A 109 -24.72 6.13 -14.28
N LYS A 110 -23.40 6.21 -14.14
CA LYS A 110 -22.52 6.34 -15.29
C LYS A 110 -21.30 5.42 -15.14
N ARG A 111 -20.53 5.28 -16.22
CA ARG A 111 -19.36 4.42 -16.21
C ARG A 111 -18.39 4.86 -17.31
N GLU A 112 -17.13 4.99 -16.94
CA GLU A 112 -16.12 5.55 -17.84
C GLU A 112 -14.82 4.81 -17.68
N TRP A 113 -14.07 4.68 -18.77
CA TRP A 113 -12.71 4.17 -18.71
C TRP A 113 -11.79 5.26 -18.19
N PHE A 114 -10.88 4.89 -17.30
CA PHE A 114 -9.84 5.77 -16.81
C PHE A 114 -8.49 5.09 -16.89
N LYS A 115 -7.48 5.79 -17.39
CA LYS A 115 -6.09 5.34 -17.22
C LYS A 115 -5.89 5.18 -15.72
N VAL A 116 -5.14 4.17 -15.29
CA VAL A 116 -5.02 3.86 -13.87
C VAL A 116 -4.59 5.08 -13.04
N GLU A 117 -3.59 5.82 -13.52
CA GLU A 117 -3.10 6.97 -12.77
C GLU A 117 -4.17 8.06 -12.59
N ASP A 118 -4.99 8.26 -13.60
CA ASP A 118 -6.04 9.25 -13.52
C ASP A 118 -7.15 8.77 -12.59
N ALA A 119 -7.38 7.47 -12.61
CA ALA A 119 -8.35 6.82 -11.73
C ALA A 119 -7.96 7.00 -10.28
N ILE A 120 -6.69 6.81 -9.98
CA ILE A 120 -6.20 7.02 -8.62
C ILE A 120 -6.42 8.46 -8.20
N LYS A 121 -6.13 9.40 -9.08
CA LYS A 121 -6.34 10.81 -8.78
C LYS A 121 -7.83 11.10 -8.56
N VAL A 122 -8.67 10.54 -9.40
CA VAL A 122 -10.09 10.75 -9.26
C VAL A 122 -10.54 10.19 -7.91
N LEU A 123 -10.12 8.97 -7.61
CA LEU A 123 -10.60 8.28 -6.41
C LEU A 123 -10.06 8.89 -5.12
N GLN A 124 -8.88 9.52 -5.18
CA GLN A 124 -8.26 10.12 -4.01
C GLN A 124 -9.15 11.17 -3.41
N CYS A 125 -9.98 11.74 -4.27
CA CYS A 125 -10.95 12.75 -3.89
C CYS A 125 -12.31 12.12 -3.61
N HIS A 126 -12.74 11.25 -4.52
CA HIS A 126 -14.08 10.69 -4.45
C HIS A 126 -14.24 9.58 -3.40
N LYS A 127 -13.25 8.70 -3.30
CA LYS A 127 -13.37 7.48 -2.49
C LYS A 127 -11.96 6.93 -2.19
N PRO A 128 -11.28 7.52 -1.21
CA PRO A 128 -9.87 7.23 -0.92
C PRO A 128 -9.58 5.75 -0.76
N VAL A 129 -10.47 5.02 -0.08
CA VAL A 129 -10.27 3.58 0.12
C VAL A 129 -10.16 2.83 -1.22
N HIS A 130 -10.94 3.23 -2.22
CA HIS A 130 -10.90 2.55 -3.51
C HIS A 130 -9.61 2.88 -4.25
N ALA A 131 -9.05 4.04 -3.95
CA ALA A 131 -7.78 4.43 -4.56
C ALA A 131 -6.69 3.45 -4.15
N GLU A 132 -6.78 2.96 -2.91
CA GLU A 132 -5.82 1.98 -2.41
C GLU A 132 -5.83 0.71 -3.23
N TYR A 133 -6.99 0.33 -3.77
CA TYR A 133 -7.07 -0.86 -4.62
C TYR A 133 -6.13 -0.68 -5.81
N LEU A 134 -6.22 0.46 -6.47
CA LEU A 134 -5.41 0.68 -7.67
C LEU A 134 -3.96 0.88 -7.30
N GLU A 135 -3.70 1.47 -6.14
CA GLU A 135 -2.32 1.64 -5.68
C GLU A 135 -1.62 0.30 -5.49
N LYS A 136 -2.39 -0.71 -5.09
CA LYS A 136 -1.86 -2.06 -4.89
C LYS A 136 -1.29 -2.64 -6.18
N LEU A 137 -1.86 -2.27 -7.32
CA LEU A 137 -1.29 -2.66 -8.61
C LEU A 137 0.13 -2.18 -8.77
N LYS A 138 0.38 -0.92 -8.40
CA LYS A 138 1.73 -0.39 -8.50
C LYS A 138 2.62 -0.98 -7.40
N LEU A 139 2.06 -1.16 -6.21
CA LEU A 139 2.82 -1.71 -5.11
C LEU A 139 3.38 -3.08 -5.46
N GLY A 140 2.50 -3.95 -5.95
CA GLY A 140 2.89 -5.32 -6.24
C GLY A 140 2.54 -6.27 -5.10
N MET B 2 35.78 3.70 2.47
CA MET B 2 35.64 3.28 1.07
C MET B 2 34.20 3.42 0.57
N THR B 3 33.32 2.53 1.03
CA THR B 3 31.92 2.55 0.61
C THR B 3 31.00 2.71 1.83
N ARG B 4 31.58 2.57 3.02
CA ARG B 4 30.87 2.80 4.27
C ARG B 4 31.57 3.92 5.03
N THR B 5 30.93 4.41 6.08
CA THR B 5 31.49 5.54 6.82
C THR B 5 31.28 5.32 8.31
N TYR B 6 32.19 5.84 9.12
CA TYR B 6 32.17 5.60 10.56
C TYR B 6 32.41 6.87 11.36
N ASP B 7 31.98 6.90 12.62
CA ASP B 7 32.31 8.05 13.46
C ASP B 7 33.55 7.73 14.31
N ARG B 8 34.01 8.70 15.09
CA ARG B 8 35.27 8.58 15.82
C ARG B 8 35.17 7.68 17.06
N GLU B 9 33.97 7.22 17.39
CA GLU B 9 33.82 6.21 18.43
C GLU B 9 33.67 4.82 17.83
N GLY B 10 33.71 4.73 16.51
CA GLY B 10 33.78 3.43 15.85
C GLY B 10 32.45 2.93 15.32
N PHE B 11 31.43 3.78 15.39
CA PHE B 11 30.07 3.39 14.98
C PHE B 11 29.88 3.55 13.47
N LYS B 12 29.23 2.56 12.85
CA LYS B 12 28.90 2.68 11.45
C LYS B 12 27.75 3.65 11.31
N LYS B 13 27.92 4.67 10.47
CA LYS B 13 26.88 5.67 10.24
C LYS B 13 25.89 5.14 9.19
N ARG B 14 24.59 5.19 9.50
CA ARG B 14 23.53 4.65 8.63
C ARG B 14 22.35 5.65 8.61
N ALA B 15 21.44 5.47 7.66
CA ALA B 15 20.22 6.28 7.60
C ALA B 15 19.04 5.35 7.32
N ALA B 16 17.87 5.69 7.85
CA ALA B 16 16.68 4.89 7.60
C ALA B 16 15.52 5.85 7.52
N CYS B 17 14.38 5.36 7.07
CA CYS B 17 13.28 6.28 6.89
C CYS B 17 11.93 5.63 7.11
N LEU B 18 11.11 6.25 7.95
CA LEU B 18 9.74 5.83 8.06
C LEU B 18 8.96 6.53 6.95
N CYS B 19 8.49 5.76 5.98
CA CYS B 19 7.78 6.30 4.82
C CYS B 19 6.28 6.16 5.04
N PHE B 20 5.62 7.29 5.28
CA PHE B 20 4.19 7.28 5.59
C PHE B 20 3.33 7.53 4.38
N ARG B 21 2.08 7.09 4.46
CA ARG B 21 1.11 7.20 3.37
C ARG B 21 0.61 8.62 3.22
N SER B 22 0.64 9.36 4.33
CA SER B 22 0.09 10.70 4.38
C SER B 22 0.72 11.45 5.53
N GLU B 23 0.41 12.75 5.63
CA GLU B 23 0.94 13.59 6.70
C GLU B 23 0.37 13.21 8.08
N GLN B 24 -0.64 12.33 8.12
CA GLN B 24 -1.19 11.90 9.40
C GLN B 24 -0.30 10.86 10.07
N GLU B 25 0.57 10.23 9.29
CA GLU B 25 1.58 9.32 9.83
C GLU B 25 0.97 8.13 10.57
N ASP B 26 -0.11 7.59 10.02
CA ASP B 26 -0.79 6.46 10.63
C ASP B 26 -0.40 5.13 10.00
N GLU B 27 0.12 5.18 8.79
CA GLU B 27 0.51 3.96 8.07
C GLU B 27 1.89 4.13 7.47
N VAL B 28 2.75 3.14 7.72
CA VAL B 28 4.13 3.16 7.25
C VAL B 28 4.41 2.03 6.25
N LEU B 29 5.23 2.32 5.26
CA LEU B 29 5.64 1.32 4.28
C LEU B 29 6.81 0.47 4.81
N LEU B 30 6.62 -0.85 4.84
CA LEU B 30 7.71 -1.80 5.14
C LEU B 30 8.07 -2.58 3.88
N VAL B 31 9.30 -3.08 3.81
CA VAL B 31 9.69 -3.91 2.69
C VAL B 31 10.29 -5.22 3.19
N SER B 32 10.37 -6.21 2.30
CA SER B 32 10.90 -7.51 2.66
C SER B 32 12.43 -7.52 2.73
N SER B 33 12.98 -8.19 3.74
CA SER B 33 14.42 -8.43 3.82
C SER B 33 14.90 -9.18 2.56
N SER B 34 16.08 -8.83 2.06
CA SER B 34 16.64 -9.55 0.92
C SER B 34 17.28 -10.87 1.38
N ARG B 35 17.78 -10.89 2.61
CA ARG B 35 18.29 -12.12 3.23
C ARG B 35 17.15 -13.10 3.49
N TYR B 36 16.18 -12.67 4.30
CA TYR B 36 15.02 -13.48 4.64
C TYR B 36 13.74 -12.80 4.15
N PRO B 37 13.32 -13.13 2.92
CA PRO B 37 12.20 -12.44 2.26
C PRO B 37 10.89 -12.47 3.05
N ASP B 38 10.72 -13.40 3.98
CA ASP B 38 9.50 -13.45 4.78
C ASP B 38 9.49 -12.47 5.96
N GLN B 39 10.60 -11.74 6.14
CA GLN B 39 10.69 -10.76 7.21
C GLN B 39 10.51 -9.35 6.69
N TRP B 40 9.81 -8.53 7.46
CA TRP B 40 9.57 -7.14 7.08
C TRP B 40 10.63 -6.27 7.72
N ILE B 41 11.05 -5.24 7.00
CA ILE B 41 12.03 -4.29 7.54
C ILE B 41 11.69 -2.86 7.18
N VAL B 42 12.22 -1.94 7.97
CA VAL B 42 12.23 -0.53 7.59
C VAL B 42 13.39 -0.32 6.64
N PRO B 43 13.13 0.32 5.49
CA PRO B 43 14.21 0.60 4.52
C PRO B 43 15.32 1.45 5.11
N GLY B 44 16.57 1.10 4.83
CA GLY B 44 17.69 1.85 5.37
C GLY B 44 18.97 1.09 5.15
N GLY B 45 20.11 1.75 5.39
CA GLY B 45 21.41 1.13 5.19
C GLY B 45 22.54 2.09 5.52
N GLY B 46 23.77 1.67 5.29
CA GLY B 46 24.91 2.50 5.62
C GLY B 46 24.95 3.78 4.82
N MET B 47 25.39 4.86 5.46
CA MET B 47 25.65 6.10 4.75
C MET B 47 26.93 5.97 3.95
N GLU B 48 26.96 6.57 2.77
CA GLU B 48 28.19 6.56 1.98
C GLU B 48 29.08 7.74 2.40
N PRO B 49 30.37 7.67 2.05
CA PRO B 49 31.27 8.80 2.31
C PRO B 49 30.74 10.08 1.71
N GLU B 50 30.87 11.16 2.48
CA GLU B 50 30.46 12.50 2.05
C GLU B 50 28.95 12.67 1.92
N GLU B 51 28.20 11.59 2.08
CA GLU B 51 26.76 11.72 2.08
C GLU B 51 26.34 12.45 3.35
N GLU B 52 25.32 13.29 3.22
CA GLU B 52 24.63 13.83 4.38
C GLU B 52 23.53 12.84 4.74
N PRO B 53 23.11 12.79 6.02
CA PRO B 53 22.16 11.76 6.46
C PRO B 53 20.85 11.77 5.69
N GLY B 54 20.28 12.96 5.48
CA GLY B 54 19.09 13.08 4.64
C GLY B 54 19.27 12.51 3.25
N GLY B 55 20.46 12.67 2.67
CA GLY B 55 20.72 12.20 1.33
C GLY B 55 20.78 10.69 1.26
N ALA B 56 21.45 10.10 2.25
CA ALA B 56 21.52 8.66 2.36
C ALA B 56 20.11 8.07 2.56
N ALA B 57 19.28 8.78 3.34
CA ALA B 57 17.91 8.36 3.65
C ALA B 57 17.04 8.33 2.38
N VAL B 58 17.08 9.42 1.63
CA VAL B 58 16.38 9.49 0.36
C VAL B 58 16.89 8.39 -0.59
N ARG B 59 18.20 8.14 -0.61
CA ARG B 59 18.78 7.12 -1.49
C ARG B 59 18.32 5.72 -1.11
N GLU B 60 18.34 5.42 0.18
CA GLU B 60 17.92 4.12 0.65
C GLU B 60 16.44 3.86 0.37
N VAL B 61 15.58 4.88 0.57
CA VAL B 61 14.15 4.64 0.30
C VAL B 61 13.94 4.40 -1.19
N TYR B 62 14.67 5.13 -2.03
CA TYR B 62 14.59 4.88 -3.44
C TYR B 62 15.05 3.45 -3.74
N GLU B 63 16.26 3.12 -3.31
CA GLU B 63 16.84 1.80 -3.65
C GLU B 63 16.05 0.63 -3.08
N GLU B 64 15.66 0.71 -1.81
CA GLU B 64 15.11 -0.47 -1.17
C GLU B 64 13.58 -0.51 -1.18
N ALA B 65 12.94 0.66 -1.26
CA ALA B 65 11.47 0.72 -1.21
C ALA B 65 10.86 1.11 -2.54
N GLY B 66 11.64 1.73 -3.42
CA GLY B 66 11.16 2.10 -4.73
C GLY B 66 10.05 3.14 -4.69
N VAL B 67 10.20 4.11 -3.81
CA VAL B 67 9.24 5.20 -3.77
C VAL B 67 9.95 6.54 -3.72
N LYS B 68 9.24 7.56 -4.16
CA LYS B 68 9.73 8.94 -4.06
C LYS B 68 8.77 9.70 -3.15
N GLY B 69 9.28 10.65 -2.39
CA GLY B 69 8.42 11.43 -1.55
C GLY B 69 9.06 12.72 -1.07
N LYS B 70 8.47 13.29 -0.02
CA LYS B 70 8.93 14.54 0.57
C LYS B 70 9.62 14.25 1.90
N LEU B 71 10.93 14.48 1.96
CA LEU B 71 11.68 14.16 3.17
C LEU B 71 11.25 15.11 4.28
N GLY B 72 11.05 14.55 5.47
CA GLY B 72 10.59 15.33 6.61
C GLY B 72 11.62 15.37 7.72
N ARG B 73 11.14 15.50 8.95
CA ARG B 73 12.03 15.74 10.08
C ARG B 73 12.93 14.56 10.40
N LEU B 74 14.02 14.86 11.08
CA LEU B 74 14.84 13.85 11.72
C LEU B 74 14.10 13.38 12.96
N LEU B 75 13.60 12.16 12.94
CA LEU B 75 12.92 11.61 14.10
C LEU B 75 13.89 11.43 15.28
N GLY B 76 15.09 10.94 14.96
CA GLY B 76 16.13 10.78 15.96
C GLY B 76 17.36 10.05 15.45
N ILE B 77 18.42 10.03 16.25
CA ILE B 77 19.60 9.24 15.95
C ILE B 77 19.58 8.04 16.88
N PHE B 78 19.41 6.86 16.30
CA PHE B 78 19.25 5.64 17.08
C PHE B 78 20.56 4.87 17.14
N GLU B 79 21.10 4.78 18.35
CA GLU B 79 22.34 4.03 18.60
C GLU B 79 22.07 2.58 18.95
N ASN B 80 22.45 1.68 18.05
CA ASN B 80 22.38 0.26 18.37
C ASN B 80 23.71 -0.22 18.94
N GLN B 81 23.78 -0.29 20.27
CA GLN B 81 25.02 -0.68 20.93
C GLN B 81 25.22 -2.21 20.89
N ASP B 82 24.34 -2.92 20.18
CA ASP B 82 24.51 -4.37 20.02
C ASP B 82 25.08 -4.69 18.66
N ARG B 83 25.26 -3.66 17.84
CA ARG B 83 25.79 -3.81 16.48
C ARG B 83 26.72 -2.64 16.10
N LYS B 84 26.95 -1.72 17.03
CA LYS B 84 27.80 -0.53 16.82
C LYS B 84 27.28 0.29 15.65
N HIS B 85 25.99 0.59 15.69
CA HIS B 85 25.29 1.36 14.67
C HIS B 85 24.80 2.67 15.25
N ARG B 86 24.96 3.76 14.50
CA ARG B 86 24.21 4.97 14.78
C ARG B 86 23.43 5.35 13.53
N THR B 87 22.10 5.24 13.62
CA THR B 87 21.23 5.42 12.46
C THR B 87 20.42 6.70 12.56
N TYR B 88 20.60 7.58 11.58
CA TYR B 88 19.73 8.73 11.43
C TYR B 88 18.39 8.28 10.84
N VAL B 89 17.32 8.39 11.61
CA VAL B 89 16.02 7.94 11.11
C VAL B 89 15.14 9.14 10.78
N TYR B 90 14.70 9.19 9.53
CA TYR B 90 13.87 10.29 9.07
C TYR B 90 12.41 9.87 8.88
N VAL B 91 11.54 10.86 8.75
CA VAL B 91 10.21 10.58 8.25
C VAL B 91 10.14 11.12 6.83
N LEU B 92 9.33 10.47 6.02
CA LEU B 92 9.08 10.90 4.65
C LEU B 92 7.63 10.62 4.27
N THR B 93 7.04 11.55 3.54
CA THR B 93 5.70 11.37 3.03
C THR B 93 5.77 10.88 1.59
N VAL B 94 5.35 9.63 1.37
CA VAL B 94 5.37 9.04 0.04
C VAL B 94 4.43 9.78 -0.90
N THR B 95 4.97 10.31 -1.98
CA THR B 95 4.10 10.93 -2.98
C THR B 95 4.00 10.08 -4.23
N GLU B 96 5.00 9.23 -4.47
CA GLU B 96 4.96 8.37 -5.64
C GLU B 96 5.41 6.95 -5.35
N ILE B 97 4.68 5.97 -5.91
CA ILE B 97 5.06 4.57 -5.89
C ILE B 97 5.58 4.20 -7.28
N LEU B 98 6.83 3.74 -7.36
CA LEU B 98 7.42 3.36 -8.66
C LEU B 98 7.14 1.91 -8.96
N GLU B 99 6.68 1.65 -10.19
CA GLU B 99 6.30 0.32 -10.66
C GLU B 99 7.49 -0.65 -10.61
N ASP B 100 8.61 -0.28 -11.24
CA ASP B 100 9.92 -0.78 -10.80
C ASP B 100 11.05 0.12 -11.28
N TRP B 101 12.16 0.04 -10.56
CA TRP B 101 13.16 1.10 -10.52
C TRP B 101 14.59 0.60 -10.70
N ILE B 107 15.68 -8.57 -6.99
CA ILE B 107 15.58 -9.29 -5.72
C ILE B 107 14.25 -10.03 -5.59
N GLY B 108 13.16 -9.31 -5.85
CA GLY B 108 11.83 -9.82 -5.60
C GLY B 108 11.31 -9.21 -4.32
N ARG B 109 11.62 -7.93 -4.12
CA ARG B 109 11.28 -7.22 -2.89
C ARG B 109 9.79 -6.89 -2.77
N LYS B 110 9.18 -7.27 -1.65
CA LYS B 110 7.79 -6.92 -1.38
C LYS B 110 7.68 -5.59 -0.65
N ARG B 111 6.58 -4.88 -0.88
CA ARG B 111 6.26 -3.64 -0.17
C ARG B 111 4.81 -3.66 0.28
N GLU B 112 4.53 -3.15 1.48
CA GLU B 112 3.17 -3.12 1.98
C GLU B 112 3.01 -2.09 3.07
N TRP B 113 1.84 -1.47 3.11
CA TRP B 113 1.48 -0.52 4.15
C TRP B 113 1.05 -1.20 5.44
N PHE B 114 1.56 -0.70 6.56
CA PHE B 114 1.19 -1.20 7.89
C PHE B 114 0.74 -0.05 8.77
N LYS B 115 -0.36 -0.20 9.47
CA LYS B 115 -0.67 0.73 10.54
C LYS B 115 0.51 0.62 11.53
N VAL B 116 0.78 1.69 12.27
CA VAL B 116 1.98 1.75 13.11
C VAL B 116 2.10 0.58 14.10
N GLU B 117 1.02 0.22 14.78
CA GLU B 117 1.07 -0.86 15.76
C GLU B 117 1.29 -2.21 15.09
N ASP B 118 0.74 -2.39 13.90
CA ASP B 118 0.97 -3.60 13.12
C ASP B 118 2.44 -3.71 12.71
N ALA B 119 3.02 -2.60 12.28
CA ALA B 119 4.42 -2.58 11.88
C ALA B 119 5.31 -2.96 13.07
N ILE B 120 5.05 -2.35 14.22
CA ILE B 120 5.74 -2.72 15.45
C ILE B 120 5.60 -4.22 15.74
N LYS B 121 4.38 -4.76 15.60
CA LYS B 121 4.15 -6.17 15.85
C LYS B 121 5.02 -7.07 14.96
N VAL B 122 5.13 -6.75 13.67
CA VAL B 122 5.88 -7.60 12.74
C VAL B 122 7.38 -7.27 12.70
N LEU B 123 7.77 -6.11 13.22
CA LEU B 123 9.19 -5.81 13.28
C LEU B 123 9.88 -6.34 14.55
N GLN B 124 9.11 -6.50 15.63
CA GLN B 124 9.77 -6.52 16.95
C GLN B 124 10.47 -7.82 17.28
N CYS B 125 10.17 -8.88 16.54
CA CYS B 125 10.86 -10.13 16.81
C CYS B 125 12.31 -10.11 16.29
N HIS B 126 12.48 -9.89 14.99
CA HIS B 126 13.82 -9.89 14.40
C HIS B 126 14.47 -8.52 14.21
N LYS B 127 13.65 -7.47 14.15
CA LYS B 127 14.15 -6.12 13.94
C LYS B 127 13.66 -5.21 15.06
N PRO B 128 13.97 -5.54 16.31
CA PRO B 128 13.43 -4.75 17.41
C PRO B 128 13.87 -3.26 17.39
N VAL B 129 15.03 -2.93 16.82
CA VAL B 129 15.38 -1.52 16.79
C VAL B 129 14.57 -0.79 15.72
N HIS B 130 14.18 -1.48 14.65
CA HIS B 130 13.26 -0.86 13.69
C HIS B 130 11.93 -0.54 14.37
N ALA B 131 11.49 -1.43 15.24
CA ALA B 131 10.25 -1.20 15.99
C ALA B 131 10.41 -0.02 16.94
N GLU B 132 11.62 0.15 17.50
CA GLU B 132 11.94 1.30 18.34
C GLU B 132 11.74 2.63 17.61
N TYR B 133 12.03 2.66 16.32
CA TYR B 133 11.85 3.88 15.53
C TYR B 133 10.41 4.34 15.66
N LEU B 134 9.50 3.37 15.52
CA LEU B 134 8.06 3.62 15.59
C LEU B 134 7.56 3.88 17.01
N GLU B 135 8.15 3.21 17.99
CA GLU B 135 7.83 3.53 19.38
C GLU B 135 8.19 5.00 19.69
N LYS B 136 9.34 5.47 19.19
CA LYS B 136 9.76 6.85 19.39
C LYS B 136 8.82 7.82 18.69
N LEU B 137 8.37 7.41 17.51
CA LEU B 137 7.40 8.20 16.74
C LEU B 137 6.12 8.45 17.53
N LYS B 138 5.77 7.48 18.38
CA LYS B 138 4.57 7.57 19.22
C LYS B 138 4.74 8.49 20.43
N LEU B 139 5.66 9.44 20.34
CA LEU B 139 5.91 10.36 21.45
C LEU B 139 6.08 11.80 20.95
#